data_4DH2
#
_entry.id   4DH2
#
_cell.length_a   90.760
_cell.length_b   90.760
_cell.length_c   135.070
_cell.angle_alpha   90.00
_cell.angle_beta   90.00
_cell.angle_gamma   120.00
#
_symmetry.space_group_name_H-M   'P 32 2 1'
#
loop_
_entity.id
_entity.type
_entity.pdbx_description
1 polymer 'Cellulosome anchoring protein cohesin region'
2 polymer 'Dockerin type 1'
3 non-polymer 'SULFATE ION'
4 non-polymer 'CALCIUM ION'
5 water water
#
loop_
_entity_poly.entity_id
_entity_poly.type
_entity_poly.pdbx_seq_one_letter_code
_entity_poly.pdbx_strand_id
1 'polypeptide(L)'
;MASVVAIHEAETADYILDVLVEGVKAKAGDTVEIPLKFENVPSHGIQSFNLSLYYDSKAIEVLKVEPGSIITDPANNFDY
NIVYKDSEIVFLFDDDKQKGEGLIKTDGVFAKLTVRIKPDIFKDSGSTKKYSLITFGESNFCDFDLKPILAVLKEGKVEI
EKLEHHHHHH
;
A,C
2 'polypeptide(L)'
;MWNKAVIGDVNADGVVNISDYVLMKRYILRIIADFPADDDMWVGDVNGDNVINDIDCNYLKRYLLHMIREFPKNSYNSAP
TF
;
B,D
#
# COMPACT_ATOMS: atom_id res chain seq x y z
N ILE A 7 0.42 -4.53 4.09
CA ILE A 7 -0.83 -4.15 3.43
C ILE A 7 -1.63 -3.11 4.24
N HIS A 8 -2.09 -2.08 3.55
CA HIS A 8 -3.10 -1.17 4.10
C HIS A 8 -4.45 -1.85 3.88
N GLU A 9 -5.14 -2.18 4.97
CA GLU A 9 -6.35 -2.97 4.89
C GLU A 9 -7.53 -2.12 4.44
N ALA A 10 -8.33 -2.66 3.53
CA ALA A 10 -9.57 -1.97 3.15
C ALA A 10 -10.58 -2.14 4.28
N GLU A 11 -11.12 -1.02 4.75
CA GLU A 11 -11.92 -1.00 5.96
CA GLU A 11 -12.00 -1.07 5.92
C GLU A 11 -13.08 -0.01 5.80
N THR A 12 -14.05 -0.08 6.72
CA THR A 12 -15.19 0.83 6.69
C THR A 12 -15.30 1.46 8.08
N ALA A 13 -15.55 2.77 8.17
CA ALA A 13 -15.61 3.45 9.47
C ALA A 13 -16.43 4.72 9.39
N ASP A 14 -16.52 5.47 10.50
CA ASP A 14 -17.37 6.64 10.51
C ASP A 14 -16.64 7.91 10.17
N TYR A 15 -15.31 7.84 10.17
CA TYR A 15 -14.48 9.03 9.98
C TYR A 15 -13.34 8.73 9.01
N ILE A 16 -12.84 9.78 8.40
CA ILE A 16 -11.82 9.64 7.40
C ILE A 16 -10.91 10.88 7.34
N LEU A 17 -9.68 10.66 6.90
CA LEU A 17 -8.76 11.75 6.53
C LEU A 17 -7.93 11.29 5.35
N ASP A 18 -7.14 12.23 4.83
CA ASP A 18 -6.24 11.95 3.74
C ASP A 18 -4.81 12.14 4.22
N VAL A 19 -3.93 11.22 3.79
CA VAL A 19 -2.52 11.29 4.09
C VAL A 19 -1.77 11.45 2.76
N LEU A 20 -0.94 12.49 2.64
CA LEU A 20 -0.25 12.80 1.38
C LEU A 20 1.25 12.91 1.56
N VAL A 21 2.00 12.34 0.61
CA VAL A 21 3.42 12.64 0.52
C VAL A 21 3.53 13.81 -0.45
N GLU A 22 4.06 14.94 0.01
CA GLU A 22 4.16 16.11 -0.83
C GLU A 22 5.40 16.02 -1.73
N GLY A 23 5.17 16.01 -3.03
CA GLY A 23 6.25 15.83 -3.99
C GLY A 23 7.36 16.86 -3.92
N VAL A 24 8.58 16.45 -4.26
CA VAL A 24 9.70 17.37 -4.31
C VAL A 24 10.44 17.14 -5.62
N LYS A 25 11.00 18.22 -6.17
CA LYS A 25 11.88 18.13 -7.33
C LYS A 25 13.25 18.55 -6.86
N ALA A 26 14.24 17.69 -7.10
CA ALA A 26 15.59 17.94 -6.62
C ALA A 26 16.61 17.41 -7.60
N LYS A 27 17.87 17.61 -7.26
CA LYS A 27 18.95 17.16 -8.11
C LYS A 27 19.67 16.04 -7.40
N ALA A 28 20.28 15.15 -8.15
CA ALA A 28 21.08 14.10 -7.55
C ALA A 28 22.14 14.74 -6.68
N GLY A 29 22.31 14.19 -5.48
CA GLY A 29 23.23 14.69 -4.50
C GLY A 29 22.63 15.66 -3.49
N ASP A 30 21.43 16.18 -3.74
CA ASP A 30 20.81 17.17 -2.86
C ASP A 30 20.42 16.54 -1.54
N THR A 31 20.43 17.37 -0.51
CA THR A 31 19.70 17.03 0.72
C THR A 31 18.48 17.92 0.76
N VAL A 32 17.31 17.32 0.92
CA VAL A 32 16.07 18.06 0.82
C VAL A 32 15.11 17.57 1.91
N GLU A 33 14.05 18.35 2.15
CA GLU A 33 13.00 17.96 3.10
C GLU A 33 11.77 17.48 2.32
N ILE A 34 11.16 16.37 2.76
CA ILE A 34 9.90 15.90 2.18
C ILE A 34 8.81 16.03 3.24
N PRO A 35 7.85 16.94 3.05
CA PRO A 35 6.76 17.11 4.00
C PRO A 35 5.71 16.04 3.76
N LEU A 36 5.14 15.56 4.86
CA LEU A 36 4.06 14.59 4.85
C LEU A 36 2.89 15.27 5.57
N LYS A 37 1.69 15.20 4.96
CA LYS A 37 0.57 16.01 5.39
C LYS A 37 -0.64 15.16 5.68
N PHE A 38 -1.47 15.65 6.58
CA PHE A 38 -2.83 15.18 6.78
C PHE A 38 -3.74 16.28 6.28
N GLU A 39 -4.77 15.88 5.53
CA GLU A 39 -5.82 16.79 5.11
CA GLU A 39 -5.81 16.80 5.13
C GLU A 39 -7.16 16.21 5.48
N ASN A 40 -8.14 17.08 5.70
CA ASN A 40 -9.48 16.66 6.11
C ASN A 40 -9.46 15.87 7.42
N VAL A 41 -8.63 16.32 8.35
CA VAL A 41 -8.60 15.72 9.68
C VAL A 41 -9.96 15.91 10.36
N PRO A 42 -10.53 14.83 10.92
CA PRO A 42 -11.77 15.03 11.68
C PRO A 42 -11.60 16.06 12.79
N SER A 43 -12.53 16.99 12.87
CA SER A 43 -12.42 18.02 13.88
C SER A 43 -12.51 17.47 15.29
N HIS A 44 -13.11 16.30 15.48
CA HIS A 44 -13.17 15.76 16.84
C HIS A 44 -11.87 15.10 17.29
N GLY A 45 -10.95 14.89 16.34
CA GLY A 45 -9.57 14.67 16.69
C GLY A 45 -9.05 13.24 16.63
N ILE A 46 -7.79 13.13 16.23
CA ILE A 46 -7.02 11.88 16.28
C ILE A 46 -6.34 11.74 17.66
N GLN A 47 -6.59 10.60 18.30
CA GLN A 47 -5.91 10.21 19.52
C GLN A 47 -4.57 9.54 19.24
N SER A 48 -4.54 8.69 18.22
CA SER A 48 -3.32 7.95 17.97
C SER A 48 -3.25 7.52 16.49
N PHE A 49 -2.03 7.43 15.98
CA PHE A 49 -1.86 6.83 14.66
C PHE A 49 -0.54 6.15 14.56
N ASN A 50 -0.47 5.18 13.66
CA ASN A 50 0.73 4.40 13.43
C ASN A 50 0.73 4.19 11.92
N LEU A 51 1.81 4.65 11.28
CA LEU A 51 1.86 4.73 9.82
C LEU A 51 3.29 4.34 9.38
N SER A 52 3.41 3.57 8.29
CA SER A 52 4.73 3.23 7.70
C SER A 52 4.83 3.79 6.29
N LEU A 53 6.04 4.23 5.96
CA LEU A 53 6.41 4.61 4.59
C LEU A 53 7.60 3.81 4.16
N TYR A 54 7.73 3.59 2.85
CA TYR A 54 8.91 2.94 2.32
C TYR A 54 9.55 3.87 1.31
N TYR A 55 10.87 3.77 1.22
CA TYR A 55 11.67 4.49 0.23
C TYR A 55 12.66 3.54 -0.42
N ASP A 56 13.19 3.95 -1.58
CA ASP A 56 14.17 3.15 -2.28
C ASP A 56 15.55 3.56 -1.80
N SER A 57 16.19 2.67 -1.06
CA SER A 57 17.48 3.00 -0.46
C SER A 57 18.55 3.13 -1.53
N LYS A 58 18.26 2.73 -2.76
CA LYS A 58 19.26 2.91 -3.81
C LYS A 58 19.36 4.38 -4.22
N ALA A 59 18.28 5.11 -4.01
CA ALA A 59 18.22 6.51 -4.40
C ALA A 59 18.17 7.46 -3.22
N ILE A 60 17.64 6.99 -2.09
CA ILE A 60 17.38 7.86 -0.98
C ILE A 60 17.97 7.36 0.31
N GLU A 61 18.58 8.29 1.03
CA GLU A 61 19.06 8.08 2.39
C GLU A 61 18.30 8.99 3.36
N VAL A 62 17.66 8.40 4.36
CA VAL A 62 16.94 9.22 5.31
C VAL A 62 17.88 9.59 6.43
N LEU A 63 18.05 10.90 6.62
CA LEU A 63 18.99 11.39 7.61
C LEU A 63 18.32 11.87 8.90
N LYS A 64 17.05 12.25 8.80
CA LYS A 64 16.32 12.80 9.94
C LYS A 64 14.83 12.68 9.72
N VAL A 65 14.08 12.48 10.80
CA VAL A 65 12.65 12.57 10.78
C VAL A 65 12.23 13.50 11.90
N GLU A 66 11.36 14.47 11.59
CA GLU A 66 10.91 15.46 12.56
CA GLU A 66 10.90 15.45 12.57
C GLU A 66 9.39 15.54 12.58
N PRO A 67 8.80 15.76 13.78
CA PRO A 67 7.35 15.97 13.80
C PRO A 67 6.99 17.28 13.12
N GLY A 68 5.81 17.30 12.52
CA GLY A 68 5.26 18.48 11.89
C GLY A 68 4.53 19.35 12.90
N SER A 69 4.09 20.52 12.45
CA SER A 69 3.46 21.50 13.34
C SER A 69 2.13 21.03 13.90
N ILE A 70 1.45 20.10 13.24
CA ILE A 70 0.16 19.69 13.78
C ILE A 70 0.27 18.65 14.89
N ILE A 71 1.45 18.10 15.09
CA ILE A 71 1.71 17.15 16.16
C ILE A 71 1.72 17.90 17.49
N THR A 72 0.91 17.43 18.44
CA THR A 72 0.84 18.03 19.77
C THR A 72 1.93 17.43 20.63
N ASP A 73 2.39 18.19 21.62
CA ASP A 73 3.43 17.74 22.56
C ASP A 73 4.31 16.62 22.05
N PRO A 74 5.09 16.89 20.98
CA PRO A 74 5.84 15.85 20.28
C PRO A 74 6.86 15.17 21.15
N ALA A 75 7.49 15.91 22.06
CA ALA A 75 8.41 15.28 22.99
C ALA A 75 7.83 14.06 23.66
N ASN A 76 6.53 14.09 23.99
CA ASN A 76 5.88 12.97 24.65
C ASN A 76 4.97 12.15 23.74
N ASN A 77 4.54 12.76 22.65
CA ASN A 77 3.45 12.14 21.86
C ASN A 77 3.89 11.52 20.53
N PHE A 78 5.11 11.79 20.12
CA PHE A 78 5.57 11.49 18.76
C PHE A 78 6.87 10.70 18.77
N ASP A 79 6.86 9.56 18.09
CA ASP A 79 8.07 8.76 17.91
C ASP A 79 8.15 8.30 16.48
N TYR A 80 9.36 7.98 16.05
CA TYR A 80 9.55 7.31 14.77
C TYR A 80 10.70 6.35 14.89
N ASN A 81 10.76 5.42 13.94
CA ASN A 81 11.87 4.51 13.83
C ASN A 81 12.13 4.20 12.37
N ILE A 82 13.39 4.22 11.98
CA ILE A 82 13.75 3.81 10.63
C ILE A 82 14.25 2.37 10.69
N VAL A 83 13.54 1.49 9.99
CA VAL A 83 13.94 0.11 9.85
C VAL A 83 14.84 0.05 8.61
N TYR A 84 16.14 0.26 8.83
CA TYR A 84 17.10 0.35 7.74
C TYR A 84 17.09 -0.86 6.82
N LYS A 85 16.96 -2.05 7.38
CA LYS A 85 16.96 -3.26 6.57
C LYS A 85 15.81 -3.33 5.58
N ASP A 86 14.71 -2.65 5.91
CA ASP A 86 13.51 -2.70 5.11
C ASP A 86 13.27 -1.39 4.39
N SER A 87 14.15 -0.40 4.61
CA SER A 87 13.94 0.93 4.05
C SER A 87 12.56 1.42 4.39
N GLU A 88 12.23 1.35 5.67
CA GLU A 88 10.91 1.68 6.16
C GLU A 88 11.02 2.74 7.25
N ILE A 89 10.13 3.73 7.20
CA ILE A 89 10.05 4.71 8.26
C ILE A 89 8.70 4.53 8.94
N VAL A 90 8.75 4.27 10.24
CA VAL A 90 7.53 4.00 11.00
C VAL A 90 7.30 5.17 11.97
N PHE A 91 6.06 5.63 12.01
CA PHE A 91 5.66 6.72 12.90
C PHE A 91 4.65 6.19 13.91
N LEU A 92 4.75 6.68 15.15
CA LEU A 92 3.75 6.42 16.16
C LEU A 92 3.44 7.72 16.90
N PHE A 93 2.16 8.06 16.92
CA PHE A 93 1.66 9.20 17.67
C PHE A 93 0.60 8.76 18.64
N ASP A 94 0.63 9.31 19.85
CA ASP A 94 -0.43 9.11 20.80
C ASP A 94 -0.47 10.33 21.71
N ASP A 95 -1.66 10.89 21.93
CA ASP A 95 -1.87 11.91 22.96
C ASP A 95 -1.70 11.28 24.35
N ASP A 96 -0.46 11.33 24.83
CA ASP A 96 0.05 10.50 25.90
C ASP A 96 -0.70 10.60 27.22
N LYS A 97 -1.24 11.77 27.53
CA LYS A 97 -1.89 11.98 28.82
C LYS A 97 -3.34 11.52 28.86
N GLN A 98 -3.90 11.20 27.68
CA GLN A 98 -5.19 10.51 27.62
C GLN A 98 -6.36 11.26 28.21
N LYS A 99 -6.39 12.58 28.05
CA LYS A 99 -7.46 13.38 28.57
C LYS A 99 -8.09 14.20 27.45
N GLY A 100 -7.79 13.83 26.20
CA GLY A 100 -8.46 14.47 25.08
C GLY A 100 -8.03 15.91 24.85
N GLU A 101 -6.86 16.29 25.34
CA GLU A 101 -6.44 17.69 25.23
C GLU A 101 -5.32 17.89 24.22
N GLY A 102 -4.76 16.79 23.71
CA GLY A 102 -3.72 16.90 22.72
C GLY A 102 -4.04 16.07 21.48
N LEU A 103 -5.33 16.04 21.12
CA LEU A 103 -5.74 15.34 19.89
C LEU A 103 -5.34 16.14 18.69
N ILE A 104 -5.07 15.47 17.58
CA ILE A 104 -4.77 16.20 16.36
C ILE A 104 -6.08 16.52 15.64
N LYS A 105 -6.38 17.81 15.50
CA LYS A 105 -7.67 18.28 14.96
C LYS A 105 -7.51 19.19 13.75
N THR A 106 -6.25 19.42 13.36
CA THR A 106 -5.90 20.41 12.36
C THR A 106 -5.17 19.81 11.16
N ASP A 107 -5.47 20.30 9.95
CA ASP A 107 -4.79 19.84 8.74
C ASP A 107 -3.40 20.45 8.66
N GLY A 108 -2.48 19.76 8.01
CA GLY A 108 -1.14 20.28 7.84
C GLY A 108 -0.06 19.22 7.85
N VAL A 109 1.16 19.66 8.10
CA VAL A 109 2.30 18.75 8.05
C VAL A 109 2.40 17.96 9.34
N PHE A 110 2.40 16.63 9.23
CA PHE A 110 2.53 15.77 10.41
C PHE A 110 3.96 15.31 10.64
N ALA A 111 4.78 15.34 9.59
CA ALA A 111 6.19 15.00 9.74
C ALA A 111 6.96 15.52 8.55
N LYS A 112 8.25 15.77 8.75
CA LYS A 112 9.12 16.12 7.64
C LYS A 112 10.28 15.14 7.62
N LEU A 113 10.57 14.59 6.45
CA LEU A 113 11.73 13.74 6.30
C LEU A 113 12.85 14.62 5.78
N THR A 114 14.07 14.41 6.26
CA THR A 114 15.22 15.05 5.63
C THR A 114 15.97 13.92 4.96
N VAL A 115 16.11 13.98 3.64
CA VAL A 115 16.74 12.91 2.93
C VAL A 115 17.84 13.41 2.01
N ARG A 116 18.79 12.53 1.74
CA ARG A 116 19.82 12.83 0.75
C ARG A 116 19.55 12.02 -0.47
N ILE A 117 19.54 12.68 -1.62
CA ILE A 117 19.41 11.96 -2.88
C ILE A 117 20.78 11.51 -3.35
N LYS A 118 20.95 10.21 -3.56
CA LYS A 118 22.29 9.69 -3.81
C LYS A 118 22.87 10.25 -5.10
N PRO A 119 24.11 10.77 -5.03
CA PRO A 119 24.66 11.47 -6.19
C PRO A 119 24.93 10.55 -7.36
N ASP A 120 24.94 9.24 -7.12
CA ASP A 120 25.34 8.26 -8.14
C ASP A 120 24.15 7.53 -8.73
N ILE A 121 22.97 8.14 -8.66
CA ILE A 121 21.75 7.46 -9.10
C ILE A 121 21.71 7.30 -10.62
N PHE A 122 22.41 8.15 -11.36
CA PHE A 122 22.38 8.07 -12.82
C PHE A 122 23.52 7.24 -13.39
N LYS A 123 24.28 6.59 -12.52
CA LYS A 123 25.37 5.72 -12.96
C LYS A 123 24.81 4.67 -13.89
N ASP A 124 25.48 4.47 -15.03
CA ASP A 124 25.09 3.40 -15.92
C ASP A 124 23.73 3.69 -16.54
N SER A 125 23.31 4.94 -16.50
CA SER A 125 22.03 5.33 -17.08
C SER A 125 22.16 6.48 -18.05
N GLY A 126 21.32 6.47 -19.08
CA GLY A 126 21.34 7.52 -20.08
C GLY A 126 20.27 8.56 -19.89
N SER A 127 19.51 8.50 -18.81
CA SER A 127 18.49 9.50 -18.59
C SER A 127 19.07 10.70 -17.86
N THR A 128 18.37 11.83 -17.99
CA THR A 128 18.72 13.01 -17.25
C THR A 128 17.68 13.27 -16.17
N LYS A 129 16.59 12.50 -16.16
CA LYS A 129 15.53 12.70 -15.17
C LYS A 129 15.05 11.35 -14.65
N LYS A 130 15.00 11.19 -13.33
CA LYS A 130 14.46 9.98 -12.72
C LYS A 130 13.40 10.35 -11.67
N TYR A 131 12.61 9.34 -11.29
CA TYR A 131 11.59 9.49 -10.25
C TYR A 131 11.79 8.43 -9.19
N SER A 132 11.63 8.80 -7.93
CA SER A 132 11.72 7.79 -6.90
C SER A 132 10.45 7.84 -6.04
N LEU A 133 9.84 6.69 -5.86
CA LEU A 133 8.51 6.61 -5.24
C LEU A 133 8.61 6.45 -3.74
N ILE A 134 7.71 7.09 -3.01
CA ILE A 134 7.61 6.92 -1.58
C ILE A 134 6.24 6.28 -1.36
N THR A 135 6.25 5.07 -0.80
CA THR A 135 5.03 4.29 -0.71
C THR A 135 4.62 4.12 0.74
N PHE A 136 3.48 3.48 0.94
CA PHE A 136 2.98 3.26 2.30
C PHE A 136 2.88 1.83 2.64
N GLY A 137 2.99 1.54 3.93
CA GLY A 137 2.58 0.26 4.45
C GLY A 137 1.28 0.38 5.26
N GLU A 138 1.29 -0.34 6.35
CA GLU A 138 0.20 -0.28 7.31
C GLU A 138 -0.04 1.16 7.84
N SER A 139 -1.29 1.42 8.12
CA SER A 139 -1.75 2.71 8.53
C SER A 139 -2.95 2.45 9.41
N ASN A 140 -2.88 2.94 10.63
CA ASN A 140 -3.94 2.77 11.61
C ASN A 140 -4.12 4.08 12.37
N PHE A 141 -5.36 4.59 12.42
CA PHE A 141 -5.66 5.83 13.14
C PHE A 141 -6.90 5.59 14.00
N CYS A 142 -6.99 6.24 15.15
CA CYS A 142 -8.22 6.17 15.92
C CYS A 142 -8.50 7.47 16.66
N ASP A 143 -9.75 7.61 17.12
CA ASP A 143 -10.15 8.75 17.90
C ASP A 143 -10.05 8.45 19.39
N PHE A 144 -10.46 9.42 20.20
CA PHE A 144 -10.36 9.29 21.65
C PHE A 144 -11.09 8.05 22.17
N ASP A 145 -12.22 7.71 21.52
CA ASP A 145 -12.99 6.53 21.89
C ASP A 145 -12.54 5.24 21.24
N LEU A 146 -11.37 5.28 20.59
CA LEU A 146 -10.77 4.14 19.91
C LEU A 146 -11.55 3.72 18.67
N LYS A 147 -12.41 4.61 18.20
CA LYS A 147 -13.11 4.36 16.94
C LYS A 147 -12.13 4.60 15.81
N PRO A 148 -12.21 3.76 14.77
CA PRO A 148 -11.26 3.93 13.68
C PRO A 148 -11.53 5.17 12.89
N ILE A 149 -10.45 5.75 12.36
CA ILE A 149 -10.52 6.83 11.40
C ILE A 149 -9.78 6.28 10.17
N LEU A 150 -10.44 6.18 9.03
CA LEU A 150 -9.76 5.71 7.84
C LEU A 150 -8.80 6.74 7.29
N ALA A 151 -7.72 6.26 6.68
CA ALA A 151 -6.73 7.14 6.11
C ALA A 151 -6.65 6.84 4.61
N VAL A 152 -7.01 7.81 3.78
CA VAL A 152 -6.86 7.64 2.35
C VAL A 152 -5.42 8.02 2.00
N LEU A 153 -4.62 7.03 1.66
CA LEU A 153 -3.21 7.26 1.42
C LEU A 153 -2.90 7.61 -0.04
N LYS A 154 -2.12 8.66 -0.22
CA LYS A 154 -1.69 9.06 -1.52
CA LYS A 154 -1.67 9.05 -1.54
C LYS A 154 -0.17 9.05 -1.55
N GLU A 155 0.39 8.20 -2.41
CA GLU A 155 1.83 8.05 -2.51
C GLU A 155 2.41 9.30 -3.11
N GLY A 156 3.73 9.42 -3.07
CA GLY A 156 4.39 10.60 -3.57
C GLY A 156 5.64 10.22 -4.32
N LYS A 157 6.26 11.20 -4.99
CA LYS A 157 7.44 10.92 -5.77
C LYS A 157 8.44 12.04 -5.56
N VAL A 158 9.70 11.68 -5.65
CA VAL A 158 10.78 12.63 -5.74
C VAL A 158 11.23 12.60 -7.19
N GLU A 159 11.17 13.75 -7.83
CA GLU A 159 11.66 13.91 -9.17
C GLU A 159 13.11 14.33 -9.06
N ILE A 160 13.99 13.61 -9.73
CA ILE A 160 15.42 13.80 -9.57
C ILE A 160 16.08 14.14 -10.90
N GLU A 161 16.75 15.28 -10.95
CA GLU A 161 17.47 15.69 -12.18
C GLU A 161 18.96 15.37 -12.05
N LYS A 162 19.56 14.95 -13.14
CA LYS A 162 20.95 14.62 -13.15
C LYS A 162 21.71 15.93 -13.00
N LEU A 163 22.80 15.88 -12.29
CA LEU A 163 23.62 17.07 -12.04
C LEU A 163 24.45 17.42 -13.27
N GLU A 164 24.48 18.70 -13.63
CA GLU A 164 25.20 19.17 -14.82
C GLU A 164 24.45 18.83 -16.10
N ALA B 5 -4.32 -16.83 24.13
CA ALA B 5 -4.64 -15.52 23.57
C ALA B 5 -3.38 -14.74 23.24
N VAL B 6 -3.54 -13.61 22.55
CA VAL B 6 -2.38 -12.98 21.95
C VAL B 6 -1.72 -11.99 22.90
N ILE B 7 -0.41 -12.13 23.08
CA ILE B 7 0.36 -11.27 23.98
C ILE B 7 0.42 -9.85 23.42
N GLY B 8 0.01 -8.89 24.24
CA GLY B 8 -0.04 -7.51 23.78
C GLY B 8 -1.42 -7.16 23.29
N ASP B 9 -2.29 -8.17 23.10
CA ASP B 9 -3.61 -7.92 22.53
C ASP B 9 -4.62 -7.73 23.66
N VAL B 10 -4.60 -6.54 24.23
CA VAL B 10 -5.34 -6.29 25.45
C VAL B 10 -6.82 -6.04 25.25
N ASN B 11 -7.29 -5.87 24.01
CA ASN B 11 -8.74 -5.82 23.77
C ASN B 11 -9.26 -7.08 23.08
N ALA B 12 -8.39 -8.08 22.95
CA ALA B 12 -8.76 -9.40 22.45
C ALA B 12 -9.46 -9.31 21.08
N ASP B 13 -8.89 -8.53 20.17
CA ASP B 13 -9.50 -8.44 18.85
C ASP B 13 -8.62 -9.16 17.83
N GLY B 14 -7.62 -9.89 18.32
CA GLY B 14 -6.80 -10.71 17.44
C GLY B 14 -5.48 -10.11 17.01
N VAL B 15 -5.31 -8.80 17.18
CA VAL B 15 -4.16 -8.10 16.63
C VAL B 15 -3.62 -7.10 17.66
N VAL B 16 -2.34 -6.77 17.54
CA VAL B 16 -1.72 -5.77 18.38
C VAL B 16 -1.53 -4.51 17.55
N ASN B 17 -2.24 -3.44 17.92
CA ASN B 17 -2.13 -2.20 17.18
C ASN B 17 -2.34 -1.01 18.14
N ILE B 18 -2.52 0.17 17.57
CA ILE B 18 -2.58 1.36 18.40
C ILE B 18 -3.65 1.26 19.48
N SER B 19 -4.78 0.58 19.22
CA SER B 19 -5.79 0.52 20.26
C SER B 19 -5.25 -0.15 21.52
N ASP B 20 -4.43 -1.19 21.37
CA ASP B 20 -3.86 -1.85 22.52
C ASP B 20 -2.89 -0.94 23.25
N TYR B 21 -2.17 -0.12 22.49
CA TYR B 21 -1.25 0.84 23.09
C TYR B 21 -1.98 1.90 23.91
N VAL B 22 -3.03 2.48 23.34
CA VAL B 22 -3.82 3.47 24.05
C VAL B 22 -4.47 2.87 25.30
N LEU B 23 -5.01 1.65 25.16
CA LEU B 23 -5.58 0.97 26.32
C LEU B 23 -4.55 0.68 27.42
N MET B 24 -3.37 0.24 27.04
CA MET B 24 -2.31 0.00 28.01
C MET B 24 -1.98 1.30 28.78
N LYS B 25 -1.80 2.39 28.04
CA LYS B 25 -1.54 3.69 28.66
C LYS B 25 -2.64 4.09 29.63
N ARG B 26 -3.89 3.96 29.20
CA ARG B 26 -5.01 4.33 30.08
C ARG B 26 -5.09 3.42 31.27
N TYR B 27 -4.77 2.15 31.06
CA TYR B 27 -4.82 1.21 32.16
C TYR B 27 -3.77 1.54 33.23
N ILE B 28 -2.55 1.83 32.80
CA ILE B 28 -1.48 2.16 33.77
C ILE B 28 -1.79 3.47 34.46
N LEU B 29 -2.47 4.39 33.78
CA LEU B 29 -2.86 5.65 34.39
C LEU B 29 -4.07 5.53 35.28
N ARG B 30 -4.69 4.37 35.22
CA ARG B 30 -5.94 4.08 35.92
C ARG B 30 -7.04 4.97 35.37
N ILE B 31 -6.89 5.37 34.11
CA ILE B 31 -8.01 6.03 33.41
C ILE B 31 -9.07 4.99 33.09
N ILE B 32 -8.66 3.74 32.90
CA ILE B 32 -9.58 2.60 32.94
C ILE B 32 -9.11 1.65 34.04
N ALA B 33 -10.05 0.90 34.59
CA ALA B 33 -9.77 0.07 35.74
C ALA B 33 -9.22 -1.25 35.28
N ASP B 34 -9.65 -1.69 34.09
CA ASP B 34 -9.25 -2.99 33.57
C ASP B 34 -9.26 -3.06 32.05
N PHE B 35 -8.57 -4.05 31.50
CA PHE B 35 -8.56 -4.30 30.06
C PHE B 35 -9.84 -4.99 29.61
N PRO B 36 -10.24 -4.79 28.35
CA PRO B 36 -11.39 -5.57 27.84
C PRO B 36 -11.09 -7.07 27.80
N ALA B 37 -9.84 -7.44 27.51
CA ALA B 37 -9.48 -8.85 27.47
C ALA B 37 -9.52 -9.43 28.89
N ASP B 38 -9.65 -10.76 28.96
CA ASP B 38 -9.81 -11.47 30.24
C ASP B 38 -8.62 -11.43 31.19
N ASP B 39 -7.52 -12.05 30.77
CA ASP B 39 -6.41 -12.30 31.66
C ASP B 39 -5.37 -11.16 31.53
N ASP B 40 -5.50 -10.14 32.37
CA ASP B 40 -4.67 -8.96 32.27
C ASP B 40 -3.19 -9.28 32.18
N MET B 41 -2.75 -10.16 33.07
CA MET B 41 -1.34 -10.45 33.16
C MET B 41 -0.86 -11.19 31.91
N TRP B 42 -1.68 -12.10 31.38
CA TRP B 42 -1.23 -12.82 30.20
C TRP B 42 -1.06 -11.87 29.01
N VAL B 43 -2.08 -11.03 28.78
CA VAL B 43 -2.03 -10.12 27.64
C VAL B 43 -1.19 -8.89 27.87
N GLY B 44 -1.13 -8.40 29.11
CA GLY B 44 -0.49 -7.11 29.37
C GLY B 44 0.94 -7.15 29.80
N ASP B 45 1.39 -8.27 30.40
CA ASP B 45 2.77 -8.39 30.83
C ASP B 45 3.55 -8.99 29.67
N VAL B 46 4.05 -8.13 28.78
CA VAL B 46 4.61 -8.62 27.53
C VAL B 46 6.07 -9.02 27.64
N ASN B 47 6.76 -8.57 28.68
CA ASN B 47 8.16 -8.96 28.89
C ASN B 47 8.28 -10.11 29.87
N GLY B 48 7.17 -10.47 30.50
CA GLY B 48 7.10 -11.65 31.34
C GLY B 48 7.81 -11.53 32.67
N ASP B 49 7.81 -10.33 33.27
CA ASP B 49 8.36 -10.15 34.60
C ASP B 49 7.25 -10.20 35.66
N ASN B 50 6.07 -10.62 35.24
CA ASN B 50 4.90 -10.73 36.11
C ASN B 50 4.46 -9.42 36.74
N VAL B 51 4.78 -8.34 36.04
CA VAL B 51 4.29 -7.01 36.41
C VAL B 51 3.71 -6.38 35.13
N ILE B 52 2.66 -5.59 35.27
CA ILE B 52 2.20 -4.74 34.15
C ILE B 52 2.52 -3.31 34.52
N ASN B 53 3.35 -2.67 33.71
CA ASN B 53 3.70 -1.28 33.99
C ASN B 53 4.28 -0.61 32.75
N ASP B 54 4.94 0.53 32.93
CA ASP B 54 5.35 1.32 31.79
C ASP B 54 6.40 0.59 30.93
N ILE B 55 7.09 -0.39 31.49
CA ILE B 55 8.00 -1.19 30.69
C ILE B 55 7.26 -1.94 29.59
N ASP B 56 6.09 -2.47 29.94
CA ASP B 56 5.25 -3.14 28.97
C ASP B 56 4.73 -2.18 27.93
N CYS B 57 4.34 -0.99 28.38
CA CYS B 57 3.89 0.04 27.43
C CYS B 57 5.01 0.37 26.45
N ASN B 58 6.23 0.51 26.97
CA ASN B 58 7.37 0.78 26.09
C ASN B 58 7.64 -0.34 25.10
N TYR B 59 7.42 -1.60 25.51
CA TYR B 59 7.59 -2.70 24.59
C TYR B 59 6.55 -2.61 23.51
N LEU B 60 5.33 -2.24 23.87
CA LEU B 60 4.30 -2.05 22.84
C LEU B 60 4.71 -0.97 21.85
N LYS B 61 5.26 0.14 22.36
CA LYS B 61 5.73 1.23 21.49
C LYS B 61 6.78 0.69 20.54
N ARG B 62 7.76 -0.03 21.07
CA ARG B 62 8.83 -0.63 20.24
C ARG B 62 8.30 -1.56 19.16
N TYR B 63 7.30 -2.35 19.52
CA TYR B 63 6.66 -3.26 18.59
C TYR B 63 5.97 -2.47 17.49
N LEU B 64 5.26 -1.41 17.85
CA LEU B 64 4.48 -0.68 16.86
C LEU B 64 5.40 0.16 15.96
N LEU B 65 6.59 0.48 16.47
CA LEU B 65 7.60 1.19 15.70
C LEU B 65 8.48 0.22 14.88
N HIS B 66 8.15 -1.08 14.96
CA HIS B 66 8.90 -2.15 14.29
C HIS B 66 10.38 -2.23 14.74
N MET B 67 10.64 -1.78 15.97
CA MET B 67 11.96 -1.95 16.59
C MET B 67 12.18 -3.38 17.06
N ILE B 68 11.09 -4.09 17.29
CA ILE B 68 11.10 -5.51 17.61
C ILE B 68 9.97 -6.16 16.87
N ARG B 69 10.08 -7.47 16.65
CA ARG B 69 9.08 -8.20 15.86
C ARG B 69 8.17 -8.98 16.76
N GLU B 70 8.62 -9.19 17.99
CA GLU B 70 7.79 -9.89 18.96
C GLU B 70 8.20 -9.45 20.37
N PHE B 71 7.40 -9.85 21.35
CA PHE B 71 7.64 -9.52 22.74
C PHE B 71 8.49 -10.60 23.42
N PRO B 72 9.20 -10.20 24.46
CA PRO B 72 10.08 -11.18 25.13
C PRO B 72 9.32 -12.42 25.59
N LYS B 73 8.11 -12.26 26.10
CA LYS B 73 7.34 -13.41 26.55
C LYS B 73 6.66 -14.11 25.37
N ASN B 74 6.62 -15.44 25.37
CA ASN B 74 6.05 -16.20 24.25
C ASN B 74 4.97 -17.20 24.66
N SER B 75 4.21 -17.69 23.68
CA SER B 75 3.22 -18.74 23.93
C SER B 75 3.89 -20.10 24.06
N TYR B 76 5.09 -20.21 23.49
CA TYR B 76 5.91 -21.41 23.59
C TYR B 76 7.15 -21.14 24.46
N HIS C 8 3.53 -2.84 -2.23
CA HIS C 8 3.99 -1.96 -3.30
C HIS C 8 5.37 -1.41 -2.96
N GLU C 9 6.38 -1.90 -3.68
CA GLU C 9 7.75 -1.57 -3.38
C GLU C 9 8.10 -0.15 -3.78
N ALA C 10 8.90 0.49 -2.93
CA ALA C 10 9.48 1.78 -3.24
C ALA C 10 10.59 1.53 -4.27
N GLU C 11 10.52 2.21 -5.40
CA GLU C 11 11.39 1.95 -6.53
CA GLU C 11 11.46 1.97 -6.47
C GLU C 11 11.79 3.26 -7.19
N THR C 12 12.81 3.21 -8.03
CA THR C 12 13.27 4.39 -8.75
C THR C 12 13.32 4.00 -10.25
N ALA C 13 12.82 4.87 -11.13
CA ALA C 13 12.78 4.58 -12.57
C ALA C 13 12.75 5.85 -13.42
N ASP C 14 12.70 5.70 -14.74
CA ASP C 14 12.74 6.86 -15.62
C ASP C 14 11.39 7.45 -15.91
N TYR C 15 10.34 6.68 -15.67
CA TYR C 15 8.99 7.08 -16.07
C TYR C 15 8.01 6.84 -14.89
N ILE C 16 6.91 7.56 -14.94
CA ILE C 16 5.94 7.53 -13.86
C ILE C 16 4.54 7.87 -14.37
N LEU C 17 3.52 7.35 -13.69
CA LEU C 17 2.16 7.79 -13.89
C LEU C 17 1.45 7.75 -12.54
N ASP C 18 0.22 8.24 -12.54
CA ASP C 18 -0.61 8.26 -11.35
C ASP C 18 -1.78 7.32 -11.58
N VAL C 19 -2.14 6.58 -10.55
CA VAL C 19 -3.27 5.67 -10.61
C VAL C 19 -4.23 6.14 -9.53
N LEU C 20 -5.47 6.42 -9.92
CA LEU C 20 -6.45 6.97 -8.99
C LEU C 20 -7.72 6.14 -8.90
N VAL C 21 -8.19 5.92 -7.68
CA VAL C 21 -9.56 5.43 -7.50
C VAL C 21 -10.46 6.66 -7.36
N GLU C 22 -11.47 6.76 -8.21
CA GLU C 22 -12.30 7.94 -8.20
C GLU C 22 -13.40 7.76 -7.17
N GLY C 23 -13.53 8.72 -6.27
CA GLY C 23 -14.46 8.58 -5.16
C GLY C 23 -15.91 8.57 -5.60
N VAL C 24 -16.75 7.90 -4.83
CA VAL C 24 -18.20 7.96 -5.07
C VAL C 24 -18.95 8.17 -3.77
N LYS C 25 -20.15 8.72 -3.93
CA LYS C 25 -21.02 8.97 -2.81
C LYS C 25 -22.29 8.25 -3.18
N ALA C 26 -22.75 7.40 -2.26
CA ALA C 26 -23.88 6.50 -2.54
C ALA C 26 -24.64 6.21 -1.28
N LYS C 27 -25.73 5.46 -1.44
CA LYS C 27 -26.55 5.11 -0.30
C LYS C 27 -26.46 3.60 -0.14
N ALA C 28 -26.60 3.14 1.10
CA ALA C 28 -26.62 1.71 1.35
C ALA C 28 -27.67 1.06 0.44
N GLY C 29 -27.27 -0.03 -0.18
CA GLY C 29 -28.13 -0.73 -1.10
C GLY C 29 -27.89 -0.40 -2.56
N ASP C 30 -27.29 0.77 -2.85
CA ASP C 30 -27.07 1.20 -4.24
C ASP C 30 -26.08 0.29 -4.95
N THR C 31 -26.29 0.08 -6.24
CA THR C 31 -25.26 -0.44 -7.12
C THR C 31 -24.74 0.73 -7.94
N VAL C 32 -23.43 0.92 -7.90
CA VAL C 32 -22.81 2.09 -8.52
C VAL C 32 -21.59 1.65 -9.31
N GLU C 33 -21.04 2.58 -10.09
CA GLU C 33 -19.81 2.32 -10.82
C GLU C 33 -18.68 3.10 -10.18
N ILE C 34 -17.51 2.49 -10.07
CA ILE C 34 -16.34 3.17 -9.57
C ILE C 34 -15.29 3.14 -10.67
N PRO C 35 -15.03 4.29 -11.30
CA PRO C 35 -14.02 4.39 -12.35
C PRO C 35 -12.65 4.40 -11.70
N LEU C 36 -11.69 3.77 -12.37
CA LEU C 36 -10.32 3.79 -11.91
C LEU C 36 -9.53 4.41 -13.07
N LYS C 37 -8.64 5.35 -12.76
CA LYS C 37 -7.96 6.12 -13.78
C LYS C 37 -6.44 6.05 -13.73
N PHE C 38 -5.85 6.27 -14.90
CA PHE C 38 -4.44 6.59 -15.04
C PHE C 38 -4.34 8.05 -15.46
N GLU C 39 -3.47 8.79 -14.81
CA GLU C 39 -3.17 10.18 -15.19
CA GLU C 39 -3.17 10.15 -15.25
C GLU C 39 -1.66 10.32 -15.40
N ASN C 40 -1.27 11.24 -16.28
CA ASN C 40 0.17 11.41 -16.60
C ASN C 40 0.84 10.15 -17.13
N VAL C 41 0.11 9.44 -17.98
CA VAL C 41 0.63 8.25 -18.65
C VAL C 41 1.75 8.70 -19.58
N PRO C 42 2.90 8.02 -19.53
CA PRO C 42 4.00 8.34 -20.44
C PRO C 42 3.54 8.24 -21.90
N SER C 43 3.82 9.26 -22.71
CA SER C 43 3.34 9.24 -24.09
C SER C 43 3.99 8.11 -24.88
N HIS C 44 5.15 7.62 -24.45
CA HIS C 44 5.75 6.54 -25.21
C HIS C 44 5.12 5.19 -24.91
N GLY C 45 4.34 5.12 -23.83
CA GLY C 45 3.37 4.05 -23.69
C GLY C 45 3.66 2.93 -22.71
N ILE C 46 2.58 2.37 -22.16
CA ILE C 46 2.63 1.21 -21.29
C ILE C 46 2.44 -0.08 -22.09
N GLN C 47 3.37 -1.01 -21.91
CA GLN C 47 3.32 -2.32 -22.54
C GLN C 47 2.48 -3.26 -21.70
N SER C 48 2.66 -3.23 -20.38
CA SER C 48 1.95 -4.17 -19.52
C SER C 48 1.79 -3.54 -18.14
N PHE C 49 0.73 -3.93 -17.44
CA PHE C 49 0.61 -3.62 -16.03
C PHE C 49 -0.12 -4.71 -15.29
N ASN C 50 0.13 -4.79 -13.99
CA ASN C 50 -0.49 -5.79 -13.12
C ASN C 50 -0.67 -5.01 -11.83
N LEU C 51 -1.92 -4.90 -11.38
CA LEU C 51 -2.30 -3.99 -10.29
C LEU C 51 -3.41 -4.70 -9.53
N SER C 52 -3.40 -4.65 -8.20
CA SER C 52 -4.54 -5.16 -7.44
C SER C 52 -5.08 -4.12 -6.47
N LEU C 53 -6.38 -4.26 -6.20
CA LEU C 53 -7.13 -3.40 -5.32
C LEU C 53 -7.79 -4.28 -4.30
N TYR C 54 -7.96 -3.71 -3.12
CA TYR C 54 -8.70 -4.37 -2.06
C TYR C 54 -9.90 -3.55 -1.67
N TYR C 55 -10.97 -4.26 -1.31
CA TYR C 55 -12.19 -3.60 -0.83
C TYR C 55 -12.63 -4.31 0.43
N ASP C 56 -13.55 -3.68 1.16
CA ASP C 56 -14.07 -4.26 2.39
C ASP C 56 -15.35 -5.03 2.06
N SER C 57 -15.30 -6.36 2.16
CA SER C 57 -16.44 -7.17 1.73
C SER C 57 -17.64 -6.96 2.62
N LYS C 58 -17.45 -6.32 3.76
CA LYS C 58 -18.59 -6.00 4.62
C LYS C 58 -19.43 -4.86 4.00
N ALA C 59 -18.77 -4.01 3.22
CA ALA C 59 -19.39 -2.82 2.67
C ALA C 59 -19.73 -2.98 1.20
N ILE C 60 -18.85 -3.66 0.48
CA ILE C 60 -18.87 -3.70 -0.98
C ILE C 60 -18.86 -5.10 -1.55
N GLU C 61 -19.68 -5.28 -2.58
CA GLU C 61 -19.69 -6.51 -3.35
C GLU C 61 -19.41 -6.16 -4.80
N VAL C 62 -18.41 -6.79 -5.40
CA VAL C 62 -18.01 -6.44 -6.76
C VAL C 62 -18.79 -7.34 -7.69
N LEU C 63 -19.59 -6.72 -8.56
CA LEU C 63 -20.45 -7.49 -9.44
C LEU C 63 -19.91 -7.64 -10.85
N LYS C 64 -19.10 -6.68 -11.28
CA LYS C 64 -18.58 -6.67 -12.65
C LYS C 64 -17.32 -5.81 -12.67
N VAL C 65 -16.43 -6.15 -13.59
CA VAL C 65 -15.25 -5.36 -13.88
C VAL C 65 -15.19 -5.27 -15.39
N GLU C 66 -14.98 -4.06 -15.89
CA GLU C 66 -14.92 -3.78 -17.33
CA GLU C 66 -14.89 -3.84 -17.32
C GLU C 66 -13.70 -2.94 -17.64
N PRO C 67 -13.04 -3.20 -18.79
CA PRO C 67 -11.94 -2.33 -19.22
C PRO C 67 -12.44 -0.94 -19.54
N GLY C 68 -11.61 0.05 -19.27
CA GLY C 68 -11.91 1.43 -19.60
C GLY C 68 -11.49 1.74 -21.02
N SER C 69 -11.79 2.96 -21.47
CA SER C 69 -11.58 3.31 -22.87
C SER C 69 -10.10 3.36 -23.27
N ILE C 70 -9.20 3.53 -22.32
CA ILE C 70 -7.79 3.67 -22.69
C ILE C 70 -7.13 2.31 -22.92
N ILE C 71 -7.83 1.24 -22.55
CA ILE C 71 -7.33 -0.09 -22.74
C ILE C 71 -7.39 -0.44 -24.23
N THR C 72 -6.29 -0.90 -24.78
CA THR C 72 -6.28 -1.27 -26.19
C THR C 72 -6.71 -2.71 -26.33
N ASP C 73 -7.34 -3.02 -27.47
CA ASP C 73 -7.78 -4.38 -27.81
C ASP C 73 -8.04 -5.26 -26.56
N PRO C 74 -8.98 -4.83 -25.72
CA PRO C 74 -9.20 -5.51 -24.44
C PRO C 74 -9.49 -6.99 -24.55
N ALA C 75 -10.18 -7.43 -25.61
CA ALA C 75 -10.47 -8.84 -25.76
C ALA C 75 -9.22 -9.70 -25.68
N ASN C 76 -8.11 -9.20 -26.21
CA ASN C 76 -6.84 -9.90 -26.17
C ASN C 76 -5.85 -9.37 -25.14
N ASN C 77 -6.03 -8.14 -24.72
CA ASN C 77 -4.98 -7.52 -23.91
C ASN C 77 -5.29 -7.35 -22.41
N PHE C 78 -6.57 -7.51 -22.06
CA PHE C 78 -7.05 -7.14 -20.71
C PHE C 78 -7.74 -8.30 -20.05
N ASP C 79 -7.36 -8.56 -18.81
CA ASP C 79 -8.11 -9.50 -18.02
C ASP C 79 -8.15 -9.03 -16.57
N TYR C 80 -9.04 -9.63 -15.82
CA TYR C 80 -9.09 -9.35 -14.38
C TYR C 80 -9.50 -10.63 -13.66
N ASN C 81 -9.36 -10.66 -12.34
CA ASN C 81 -9.83 -11.75 -11.50
C ASN C 81 -10.21 -11.18 -10.15
N ILE C 82 -11.36 -11.58 -9.64
CA ILE C 82 -11.77 -11.21 -8.30
C ILE C 82 -11.42 -12.40 -7.39
N VAL C 83 -10.48 -12.17 -6.49
CA VAL C 83 -10.11 -13.16 -5.49
C VAL C 83 -11.06 -12.97 -4.32
N TYR C 84 -12.20 -13.68 -4.37
CA TYR C 84 -13.30 -13.41 -3.46
C TYR C 84 -12.85 -13.58 -2.02
N LYS C 85 -12.05 -14.61 -1.77
CA LYS C 85 -11.61 -14.87 -0.39
C LYS C 85 -10.79 -13.75 0.21
N ASP C 86 -10.07 -13.03 -0.64
CA ASP C 86 -9.15 -12.00 -0.19
C ASP C 86 -9.73 -10.61 -0.40
N SER C 87 -10.95 -10.57 -0.95
CA SER C 87 -11.58 -9.30 -1.30
C SER C 87 -10.59 -8.46 -2.09
N GLU C 88 -10.06 -9.04 -3.16
CA GLU C 88 -9.05 -8.41 -3.97
C GLU C 88 -9.49 -8.45 -5.44
N ILE C 89 -9.29 -7.35 -6.17
CA ILE C 89 -9.50 -7.33 -7.62
C ILE C 89 -8.14 -7.21 -8.25
N VAL C 90 -7.81 -8.15 -9.13
CA VAL C 90 -6.52 -8.10 -9.81
C VAL C 90 -6.72 -7.85 -11.31
N PHE C 91 -5.90 -6.95 -11.83
CA PHE C 91 -5.90 -6.59 -13.23
C PHE C 91 -4.60 -7.00 -13.88
N LEU C 92 -4.69 -7.47 -15.12
CA LEU C 92 -3.52 -7.75 -15.94
C LEU C 92 -3.75 -7.21 -17.34
N PHE C 93 -2.86 -6.34 -17.79
CA PHE C 93 -2.91 -5.84 -19.15
C PHE C 93 -1.59 -6.11 -19.81
N ASP C 94 -1.62 -6.55 -21.08
CA ASP C 94 -0.43 -6.66 -21.88
C ASP C 94 -0.80 -6.45 -23.34
N ASP C 95 -0.01 -5.66 -24.05
CA ASP C 95 -0.20 -5.50 -25.50
C ASP C 95 0.31 -6.76 -26.21
N ASP C 96 -0.65 -7.63 -26.47
CA ASP C 96 -0.42 -9.07 -26.62
C ASP C 96 0.56 -9.42 -27.75
N LYS C 97 0.46 -8.71 -28.86
CA LYS C 97 1.23 -9.04 -30.06
C LYS C 97 2.67 -8.56 -29.98
N GLN C 98 2.96 -7.73 -28.98
CA GLN C 98 4.33 -7.35 -28.71
C GLN C 98 5.02 -6.60 -29.85
N LYS C 99 4.25 -5.84 -30.63
CA LYS C 99 4.84 -5.08 -31.73
C LYS C 99 4.85 -3.59 -31.42
N GLY C 100 4.42 -3.21 -30.22
CA GLY C 100 4.50 -1.83 -29.80
C GLY C 100 3.44 -0.94 -30.45
N GLU C 101 2.40 -1.56 -30.99
CA GLU C 101 1.34 -0.82 -31.66
C GLU C 101 0.07 -0.74 -30.85
N GLY C 102 0.05 -1.37 -29.68
CA GLY C 102 -1.14 -1.37 -28.85
C GLY C 102 -0.86 -0.92 -27.42
N LEU C 103 0.13 -0.04 -27.27
CA LEU C 103 0.55 0.46 -25.96
C LEU C 103 -0.45 1.49 -25.47
N ILE C 104 -0.60 1.62 -24.15
CA ILE C 104 -1.49 2.62 -23.60
C ILE C 104 -0.71 3.90 -23.42
N LYS C 105 -1.16 4.95 -24.12
CA LYS C 105 -0.42 6.19 -24.16
C LYS C 105 -1.27 7.37 -23.75
N THR C 106 -2.52 7.09 -23.39
CA THR C 106 -3.53 8.13 -23.12
C THR C 106 -4.03 8.09 -21.67
N ASP C 107 -4.29 9.27 -21.10
CA ASP C 107 -4.88 9.35 -19.78
C ASP C 107 -6.35 8.99 -19.80
N GLY C 108 -6.86 8.51 -18.68
CA GLY C 108 -8.29 8.26 -18.58
C GLY C 108 -8.61 7.01 -17.78
N VAL C 109 -9.81 6.49 -17.98
CA VAL C 109 -10.31 5.36 -17.20
C VAL C 109 -9.71 4.06 -17.74
N PHE C 110 -9.04 3.31 -16.88
CA PHE C 110 -8.51 2.01 -17.28
C PHE C 110 -9.41 0.86 -16.95
N ALA C 111 -10.30 1.06 -15.96
CA ALA C 111 -11.26 0.05 -15.61
C ALA C 111 -12.41 0.68 -14.83
N LYS C 112 -13.56 0.01 -14.88
CA LYS C 112 -14.71 0.41 -14.11
C LYS C 112 -15.23 -0.78 -13.32
N LEU C 113 -15.41 -0.57 -12.03
CA LEU C 113 -15.98 -1.57 -11.16
C LEU C 113 -17.47 -1.31 -11.05
N THR C 114 -18.27 -2.36 -11.12
CA THR C 114 -19.67 -2.25 -10.77
C THR C 114 -19.80 -2.91 -9.42
N VAL C 115 -20.25 -2.13 -8.43
CA VAL C 115 -20.33 -2.66 -7.07
C VAL C 115 -21.67 -2.36 -6.38
N ARG C 116 -22.06 -3.30 -5.53
CA ARG C 116 -23.20 -3.10 -4.64
C ARG C 116 -22.65 -2.63 -3.30
N ILE C 117 -23.20 -1.54 -2.79
CA ILE C 117 -22.97 -1.16 -1.38
C ILE C 117 -23.95 -1.96 -0.55
N LYS C 118 -23.46 -2.81 0.35
CA LYS C 118 -24.37 -3.76 1.04
C LYS C 118 -25.43 -3.05 1.83
N PRO C 119 -26.67 -3.52 1.72
CA PRO C 119 -27.73 -2.77 2.38
C PRO C 119 -27.67 -2.77 3.90
N ASP C 120 -26.91 -3.69 4.49
CA ASP C 120 -26.82 -3.82 5.95
C ASP C 120 -25.56 -3.20 6.51
N ILE C 121 -24.96 -2.31 5.75
CA ILE C 121 -23.68 -1.76 6.17
C ILE C 121 -23.81 -0.98 7.47
N PHE C 122 -24.98 -0.43 7.78
CA PHE C 122 -25.19 0.27 9.05
C PHE C 122 -25.68 -0.63 10.17
N LYS C 123 -25.57 -1.95 10.01
CA LYS C 123 -26.03 -2.80 11.10
C LYS C 123 -25.19 -2.46 12.37
N ASP C 124 -25.92 -2.33 13.44
CA ASP C 124 -25.39 -2.12 14.78
C ASP C 124 -24.79 -0.73 14.93
N SER C 125 -25.14 0.16 14.01
CA SER C 125 -24.62 1.52 14.01
C SER C 125 -25.71 2.57 13.99
N GLY C 126 -25.50 3.63 14.76
CA GLY C 126 -26.40 4.77 14.75
C GLY C 126 -25.93 5.90 13.84
N SER C 127 -24.86 5.68 13.10
CA SER C 127 -24.31 6.74 12.30
C SER C 127 -25.19 6.97 11.08
N THR C 128 -25.09 8.16 10.50
CA THR C 128 -25.82 8.44 9.28
C THR C 128 -24.92 8.48 8.08
N LYS C 129 -23.61 8.37 8.32
CA LYS C 129 -22.67 8.37 7.24
C LYS C 129 -21.50 7.47 7.59
N LYS C 130 -21.05 6.71 6.60
CA LYS C 130 -19.85 5.87 6.75
C LYS C 130 -18.98 6.06 5.53
N TYR C 131 -17.72 5.65 5.65
CA TYR C 131 -16.78 5.66 4.55
C TYR C 131 -16.16 4.28 4.42
N SER C 132 -15.85 3.86 3.19
CA SER C 132 -15.19 2.59 2.95
C SER C 132 -14.03 2.86 2.04
N LEU C 133 -12.89 2.27 2.33
CA LEU C 133 -11.67 2.58 1.61
C LEU C 133 -11.44 1.51 0.58
N ILE C 134 -10.94 1.94 -0.57
CA ILE C 134 -10.45 1.02 -1.59
C ILE C 134 -8.94 1.22 -1.66
N THR C 135 -8.18 0.15 -1.40
CA THR C 135 -6.75 0.23 -1.23
C THR C 135 -6.05 -0.56 -2.32
N PHE C 136 -4.72 -0.50 -2.31
CA PHE C 136 -3.91 -1.21 -3.33
C PHE C 136 -3.05 -2.32 -2.78
N GLY C 137 -2.78 -3.31 -3.64
CA GLY C 137 -1.78 -4.32 -3.39
C GLY C 137 -0.59 -4.12 -4.34
N GLU C 138 -0.26 -5.16 -5.07
CA GLU C 138 0.87 -5.06 -6.00
C GLU C 138 0.53 -4.11 -7.15
N SER C 139 1.56 -3.52 -7.69
CA SER C 139 1.43 -2.59 -8.77
C SER C 139 2.75 -2.63 -9.52
N ASN C 140 2.71 -3.13 -10.74
CA ASN C 140 3.87 -3.20 -11.62
C ASN C 140 3.50 -2.79 -13.02
N PHE C 141 4.25 -1.84 -13.60
CA PHE C 141 4.03 -1.40 -14.97
C PHE C 141 5.37 -1.40 -15.73
N CYS C 142 5.32 -1.64 -17.04
CA CYS C 142 6.52 -1.50 -17.85
C CYS C 142 6.22 -0.99 -19.23
N ASP C 143 7.26 -0.48 -19.90
CA ASP C 143 7.11 0.02 -21.25
C ASP C 143 7.53 -1.07 -22.25
N PHE C 144 7.49 -0.73 -23.54
CA PHE C 144 7.82 -1.68 -24.64
C PHE C 144 9.21 -2.29 -24.52
N ASP C 145 10.12 -1.56 -23.91
CA ASP C 145 11.48 -2.06 -23.78
C ASP C 145 11.72 -2.68 -22.43
N LEU C 146 10.62 -2.99 -21.73
CA LEU C 146 10.68 -3.64 -20.43
C LEU C 146 11.23 -2.74 -19.32
N LYS C 147 11.26 -1.44 -19.57
CA LYS C 147 11.72 -0.53 -18.53
C LYS C 147 10.54 -0.26 -17.61
N PRO C 148 10.81 -0.18 -16.30
CA PRO C 148 9.73 0.09 -15.33
C PRO C 148 9.13 1.48 -15.49
N ILE C 149 7.82 1.54 -15.28
CA ILE C 149 7.11 2.80 -15.14
C ILE C 149 6.58 2.76 -13.72
N LEU C 150 6.91 3.78 -12.92
CA LEU C 150 6.41 3.83 -11.55
C LEU C 150 4.98 4.27 -11.55
N ALA C 151 4.19 3.75 -10.59
CA ALA C 151 2.80 4.12 -10.47
C ALA C 151 2.61 4.77 -9.08
N VAL C 152 2.22 6.02 -9.08
CA VAL C 152 1.90 6.69 -7.84
C VAL C 152 0.44 6.40 -7.52
N LEU C 153 0.23 5.62 -6.47
CA LEU C 153 -1.11 5.15 -6.14
C LEU C 153 -1.81 6.03 -5.14
N LYS C 154 -3.05 6.35 -5.44
CA LYS C 154 -3.86 7.16 -4.58
CA LYS C 154 -3.89 7.18 -4.59
C LYS C 154 -5.13 6.39 -4.29
N GLU C 155 -5.35 6.10 -3.03
CA GLU C 155 -6.48 5.28 -2.61
C GLU C 155 -7.76 6.05 -2.82
N GLY C 156 -8.87 5.34 -2.72
CA GLY C 156 -10.15 5.95 -2.94
C GLY C 156 -11.10 5.68 -1.80
N LYS C 157 -12.19 6.42 -1.77
CA LYS C 157 -13.15 6.24 -0.72
C LYS C 157 -14.53 6.28 -1.30
N VAL C 158 -15.37 5.47 -0.67
CA VAL C 158 -16.78 5.42 -0.95
C VAL C 158 -17.45 6.08 0.25
N GLU C 159 -18.20 7.15 0.02
CA GLU C 159 -19.00 7.75 1.07
C GLU C 159 -20.41 7.16 1.00
N ILE C 160 -20.89 6.65 2.13
CA ILE C 160 -22.14 5.93 2.16
C ILE C 160 -23.11 6.55 3.15
N GLU C 161 -24.29 6.91 2.66
CA GLU C 161 -25.36 7.43 3.48
C GLU C 161 -26.40 6.33 3.72
N LYS C 162 -27.22 6.46 4.75
CA LYS C 162 -28.26 5.47 4.98
C LYS C 162 -29.32 5.28 3.89
N LEU C 163 -29.93 4.11 3.87
CA LEU C 163 -31.12 3.97 3.05
C LEU C 163 -32.35 4.49 3.81
N ALA D 5 16.64 -22.07 -8.52
CA ALA D 5 16.14 -20.79 -9.03
C ALA D 5 14.62 -20.80 -9.22
N VAL D 6 14.04 -19.61 -9.33
CA VAL D 6 12.59 -19.48 -9.23
C VAL D 6 11.86 -19.86 -10.52
N ILE D 7 10.97 -20.84 -10.40
CA ILE D 7 10.14 -21.26 -11.51
C ILE D 7 9.23 -20.11 -11.96
N GLY D 8 9.29 -19.81 -13.25
CA GLY D 8 8.54 -18.70 -13.81
C GLY D 8 9.37 -17.43 -13.86
N ASP D 9 10.47 -17.38 -13.09
CA ASP D 9 11.33 -16.21 -13.08
C ASP D 9 12.36 -16.28 -14.20
N VAL D 10 11.93 -15.90 -15.40
CA VAL D 10 12.70 -16.13 -16.61
C VAL D 10 13.75 -15.05 -16.85
N ASN D 11 13.77 -14.00 -16.03
CA ASN D 11 14.86 -13.03 -16.12
C ASN D 11 15.74 -13.06 -14.88
N ALA D 12 15.51 -14.06 -14.04
CA ALA D 12 16.32 -14.30 -12.85
C ALA D 12 16.54 -13.03 -12.03
N ASP D 13 15.47 -12.30 -11.76
CA ASP D 13 15.57 -11.14 -10.88
C ASP D 13 14.93 -11.46 -9.55
N GLY D 14 14.62 -12.73 -9.33
CA GLY D 14 14.13 -13.17 -8.03
C GLY D 14 12.62 -13.17 -7.86
N VAL D 15 11.89 -12.55 -8.78
CA VAL D 15 10.44 -12.55 -8.67
C VAL D 15 9.77 -12.90 -9.99
N VAL D 16 8.51 -13.31 -9.88
CA VAL D 16 7.68 -13.58 -11.06
C VAL D 16 6.68 -12.41 -11.18
N ASN D 17 6.86 -11.57 -12.20
CA ASN D 17 5.99 -10.41 -12.40
C ASN D 17 5.76 -10.17 -13.88
N ILE D 18 5.15 -9.04 -14.23
CA ILE D 18 4.84 -8.80 -15.63
C ILE D 18 6.04 -8.93 -16.61
N SER D 19 7.26 -8.64 -16.17
CA SER D 19 8.40 -8.69 -17.10
C SER D 19 8.58 -10.13 -17.56
N ASP D 20 8.38 -11.08 -16.66
CA ASP D 20 8.53 -12.51 -16.99
C ASP D 20 7.42 -12.94 -17.96
N TYR D 21 6.22 -12.41 -17.75
CA TYR D 21 5.10 -12.65 -18.66
C TYR D 21 5.36 -12.13 -20.07
N VAL D 22 5.79 -10.86 -20.14
CA VAL D 22 6.12 -10.23 -21.41
C VAL D 22 7.25 -11.00 -22.10
N LEU D 23 8.29 -11.34 -21.32
CA LEU D 23 9.38 -12.13 -21.91
C LEU D 23 8.89 -13.48 -22.43
N MET D 24 8.03 -14.16 -21.68
CA MET D 24 7.52 -15.44 -22.15
C MET D 24 6.81 -15.28 -23.48
N LYS D 25 5.94 -14.29 -23.59
CA LYS D 25 5.22 -14.03 -24.82
C LYS D 25 6.17 -13.77 -25.96
N ARG D 26 7.18 -12.92 -25.73
CA ARG D 26 8.14 -12.62 -26.78
C ARG D 26 8.95 -13.86 -27.18
N TYR D 27 9.24 -14.72 -26.23
CA TYR D 27 10.02 -15.93 -26.50
C TYR D 27 9.21 -16.86 -27.39
N ILE D 28 7.95 -17.07 -27.04
CA ILE D 28 7.09 -17.90 -27.85
C ILE D 28 6.92 -17.31 -29.25
N LEU D 29 6.92 -15.97 -29.36
CA LEU D 29 6.78 -15.31 -30.66
C LEU D 29 8.10 -15.22 -31.44
N ARG D 30 9.16 -15.76 -30.85
CA ARG D 30 10.49 -15.68 -31.45
C ARG D 30 11.01 -14.25 -31.58
N ILE D 31 10.42 -13.32 -30.82
CA ILE D 31 10.96 -11.96 -30.81
C ILE D 31 12.31 -11.95 -30.07
N ILE D 32 12.43 -12.79 -29.05
CA ILE D 32 13.73 -13.10 -28.47
C ILE D 32 13.97 -14.60 -28.64
N ALA D 33 15.23 -15.02 -28.65
CA ALA D 33 15.54 -16.43 -28.89
C ALA D 33 15.84 -17.15 -27.60
N ASP D 34 16.11 -16.38 -26.55
CA ASP D 34 16.37 -16.97 -25.25
C ASP D 34 15.92 -16.04 -24.12
N PHE D 35 15.67 -16.64 -22.97
CA PHE D 35 15.45 -15.90 -21.73
C PHE D 35 16.77 -15.40 -21.18
N PRO D 36 16.73 -14.26 -20.47
CA PRO D 36 17.95 -13.74 -19.84
C PRO D 36 18.49 -14.70 -18.79
N ALA D 37 17.58 -15.39 -18.11
CA ALA D 37 17.98 -16.39 -17.14
C ALA D 37 18.52 -17.62 -17.88
N ASP D 38 19.32 -18.42 -17.17
CA ASP D 38 19.86 -19.64 -17.74
C ASP D 38 18.94 -20.80 -17.40
N ASP D 39 19.00 -21.85 -18.21
CA ASP D 39 18.13 -23.00 -18.06
C ASP D 39 16.69 -22.58 -18.37
N ASP D 40 16.46 -22.30 -19.65
CA ASP D 40 15.15 -21.89 -20.15
C ASP D 40 14.06 -22.84 -19.69
N MET D 41 14.34 -24.14 -19.74
CA MET D 41 13.34 -25.14 -19.42
C MET D 41 13.00 -25.10 -17.94
N TRP D 42 13.99 -24.90 -17.09
CA TRP D 42 13.70 -24.90 -15.68
C TRP D 42 12.79 -23.69 -15.34
N VAL D 43 13.16 -22.50 -15.80
CA VAL D 43 12.40 -21.31 -15.44
C VAL D 43 11.12 -21.20 -16.26
N GLY D 44 11.14 -21.72 -17.49
CA GLY D 44 10.07 -21.47 -18.46
C GLY D 44 8.99 -22.52 -18.54
N ASP D 45 9.32 -23.76 -18.23
CA ASP D 45 8.33 -24.83 -18.22
C ASP D 45 7.72 -24.90 -16.83
N VAL D 46 6.61 -24.18 -16.63
CA VAL D 46 6.10 -24.02 -15.28
C VAL D 46 5.14 -25.12 -14.86
N ASN D 47 4.57 -25.84 -15.82
CA ASN D 47 3.65 -26.92 -15.50
C ASN D 47 4.35 -28.29 -15.51
N GLY D 48 5.60 -28.30 -15.95
CA GLY D 48 6.42 -29.49 -15.86
C GLY D 48 6.13 -30.58 -16.89
N ASP D 49 5.69 -30.19 -18.10
CA ASP D 49 5.54 -31.17 -19.17
C ASP D 49 6.77 -31.19 -20.08
N ASN D 50 7.83 -30.52 -19.65
CA ASN D 50 9.07 -30.47 -20.41
C ASN D 50 8.86 -29.89 -21.80
N VAL D 51 7.84 -29.03 -21.90
CA VAL D 51 7.62 -28.21 -23.09
C VAL D 51 7.54 -26.75 -22.62
N ILE D 52 8.03 -25.81 -23.42
CA ILE D 52 7.71 -24.39 -23.19
C ILE D 52 6.79 -23.93 -24.31
N ASN D 53 5.55 -23.54 -23.97
CA ASN D 53 4.62 -23.03 -24.97
C ASN D 53 3.50 -22.19 -24.32
N ASP D 54 2.43 -21.93 -25.08
CA ASP D 54 1.31 -21.10 -24.60
C ASP D 54 0.68 -21.60 -23.31
N ILE D 55 0.80 -22.88 -23.00
CA ILE D 55 0.33 -23.36 -21.72
C ILE D 55 1.05 -22.68 -20.55
N ASP D 56 2.37 -22.57 -20.68
CA ASP D 56 3.13 -21.97 -19.61
C ASP D 56 2.81 -20.48 -19.53
N CYS D 57 2.63 -19.86 -20.69
CA CYS D 57 2.26 -18.45 -20.73
C CYS D 57 0.92 -18.26 -20.01
N ASN D 58 -0.02 -19.18 -20.24
CA ASN D 58 -1.32 -19.10 -19.57
C ASN D 58 -1.19 -19.29 -18.05
N TYR D 59 -0.29 -20.18 -17.62
CA TYR D 59 -0.06 -20.32 -16.18
C TYR D 59 0.47 -19.03 -15.60
N LEU D 60 1.37 -18.37 -16.32
CA LEU D 60 1.92 -17.11 -15.80
C LEU D 60 0.78 -16.10 -15.68
N LYS D 61 -0.07 -16.05 -16.70
CA LYS D 61 -1.24 -15.19 -16.63
C LYS D 61 -2.05 -15.51 -15.39
N ARG D 62 -2.39 -16.78 -15.20
CA ARG D 62 -3.17 -17.18 -14.03
C ARG D 62 -2.51 -16.82 -12.72
N TYR D 63 -1.20 -17.00 -12.64
CA TYR D 63 -0.44 -16.63 -11.45
C TYR D 63 -0.48 -15.13 -11.19
N LEU D 64 -0.32 -14.32 -12.24
CA LEU D 64 -0.32 -12.87 -12.06
C LEU D 64 -1.74 -12.35 -11.73
N LEU D 65 -2.77 -13.12 -12.10
CA LEU D 65 -4.15 -12.73 -11.77
C LEU D 65 -4.55 -13.29 -10.41
N HIS D 66 -3.62 -13.99 -9.77
CA HIS D 66 -3.84 -14.60 -8.45
C HIS D 66 -4.89 -15.68 -8.45
N MET D 67 -5.11 -16.32 -9.61
CA MET D 67 -5.97 -17.49 -9.72
C MET D 67 -5.28 -18.72 -9.15
N ILE D 68 -3.96 -18.69 -9.15
CA ILE D 68 -3.15 -19.72 -8.51
C ILE D 68 -2.03 -19.06 -7.71
N ARG D 69 -1.54 -19.74 -6.69
CA ARG D 69 -0.51 -19.19 -5.82
C ARG D 69 0.85 -19.72 -6.20
N GLU D 70 0.87 -20.85 -6.90
CA GLU D 70 2.13 -21.50 -7.29
C GLU D 70 1.93 -22.24 -8.62
N PHE D 71 3.05 -22.54 -9.29
CA PHE D 71 3.01 -23.33 -10.52
C PHE D 71 3.04 -24.83 -10.19
N PRO D 72 2.44 -25.65 -11.06
CA PRO D 72 2.37 -27.10 -10.90
C PRO D 72 3.72 -27.78 -10.64
N LYS D 73 4.77 -27.31 -11.31
CA LYS D 73 6.08 -27.92 -11.14
C LYS D 73 6.80 -27.49 -9.84
N ASN D 74 7.41 -28.43 -9.13
CA ASN D 74 8.19 -28.12 -7.93
C ASN D 74 9.68 -28.14 -8.20
#